data_6NTI
#
_entry.id   6NTI
#
_cell.length_a   51.359
_cell.length_b   86.058
_cell.length_c   77.597
_cell.angle_alpha   90.00
_cell.angle_beta   93.98
_cell.angle_gamma   90.00
#
_symmetry.space_group_name_H-M   'I 1 2 1'
#
loop_
_entity.id
_entity.type
_entity.pdbx_description
1 polymer 'Aminoglycoside N(3)-acetyltransferase'
2 non-polymer '(1R,2S,3S,4R,6S)-4,6-DIAMINO-3-[(3-AMINO-3-DEOXY-ALPHA-D-GLUCOPYRANOSYL)OXY]-2-HYDROXYCYCLOHEXYL 2,6-DIAMINO-2,6-DIDEOXY-ALPHA-D-GLUCOPYRANOSIDE'
3 non-polymer 'MAGNESIUM ION'
4 water water
#
_entity_poly.entity_id   1
_entity_poly.type   'polypeptide(L)'
_entity_poly.pdbx_seq_one_letter_code
;GSHMTDPRKNGDLHEPATAPATPWSKSELVRQLRDLGVRSGDMVMPHVSLRAVGPLADGPQTLVDALIEAVGPTGNILAF
VSWRDSPYEQTLGHDAPPAAIAQSWPAFDPDHAPAYPGFGAINEFIRTYPGCRRSAHPDASMAAIGPDAAWLVAPHEMGA
AYGPRSPIARFLAHAGKILSIGAGPDAVTALHYAEAVARIEGKRRVTYSMPLLREGKRVWVTTSDWDSNGILDEYAAPDG
PDAVERIARDYLARTRVAQGPVGGAQSRLIDAADIVSFGIEWLEARHAAPAAAALKPKQRRD
;
_entity_poly.pdbx_strand_id   A
#
# COMPACT_ATOMS: atom_id res chain seq x y z
N THR A 22 9.22 -3.83 -29.27
CA THR A 22 8.51 -5.06 -28.97
C THR A 22 7.89 -5.01 -27.56
N PRO A 23 6.58 -5.16 -27.48
CA PRO A 23 5.92 -5.18 -26.16
C PRO A 23 6.39 -6.37 -25.33
N TRP A 24 6.52 -6.14 -24.03
CA TRP A 24 7.01 -7.19 -23.14
C TRP A 24 5.98 -8.30 -23.01
N SER A 25 6.42 -9.54 -23.19
CA SER A 25 5.55 -10.68 -23.00
C SER A 25 5.62 -11.13 -21.54
N LYS A 26 4.45 -11.85 -21.01
CA LYS A 26 4.39 -12.41 -19.67
C LYS A 26 5.66 -13.19 -19.34
N SER A 27 6.12 -14.02 -20.27
CA SER A 27 7.25 -14.90 -19.98
C SER A 27 8.55 -14.11 -19.82
N GLU A 28 8.72 -13.11 -20.54
CA GLU A 28 9.88 -12.26 -20.30
C GLU A 28 9.84 -11.63 -18.91
N LEU A 29 8.66 -11.10 -18.54
CA LEU A 29 8.52 -10.49 -17.23
C LEU A 29 8.76 -11.48 -16.11
N VAL A 30 8.23 -12.70 -16.25
CA VAL A 30 8.42 -13.73 -15.23
C VAL A 30 9.90 -14.01 -15.02
N ARG A 31 10.67 -14.08 -16.10
CA ARG A 31 12.09 -14.40 -15.99
C ARG A 31 12.87 -13.24 -15.35
N GLN A 32 12.50 -11.99 -15.68
CA GLN A 32 13.13 -10.85 -15.01
C GLN A 32 12.81 -10.86 -13.52
N LEU A 33 11.57 -11.19 -13.15
CA LEU A 33 11.20 -11.25 -11.75
C LEU A 33 11.98 -12.34 -11.02
N ARG A 34 12.21 -13.47 -11.70
CA ARG A 34 13.04 -14.52 -11.12
C ARG A 34 14.48 -14.06 -10.94
N ASP A 35 15.02 -13.38 -11.95
CA ASP A 35 16.39 -12.86 -11.85
C ASP A 35 16.53 -11.90 -10.68
N LEU A 36 15.50 -11.08 -10.44
CA LEU A 36 15.57 -10.10 -9.36
C LEU A 36 15.52 -10.76 -7.99
N GLY A 37 14.84 -11.90 -7.88
CA GLY A 37 14.84 -12.62 -6.62
C GLY A 37 13.47 -13.04 -6.12
N VAL A 38 12.45 -12.87 -6.95
CA VAL A 38 11.12 -13.35 -6.57
C VAL A 38 11.10 -14.87 -6.69
N ARG A 39 10.81 -15.54 -5.59
CA ARG A 39 10.77 -16.99 -5.55
C ARG A 39 9.33 -17.48 -5.42
N SER A 40 9.05 -18.70 -5.95
CA SER A 40 7.84 -19.40 -5.57
C SER A 40 7.59 -19.34 -4.07
N GLY A 41 6.27 -19.02 -3.75
CA GLY A 41 5.84 -18.97 -2.37
C GLY A 41 6.11 -17.65 -1.67
N ASP A 42 6.66 -16.66 -2.38
CA ASP A 42 6.97 -15.39 -1.76
C ASP A 42 5.69 -14.59 -1.47
N MET A 43 5.79 -13.69 -0.50
CA MET A 43 4.73 -12.76 -0.15
C MET A 43 5.20 -11.37 -0.59
N VAL A 44 4.52 -10.80 -1.59
CA VAL A 44 5.03 -9.66 -2.33
C VAL A 44 4.02 -8.52 -2.30
N MET A 45 4.53 -7.31 -2.07
CA MET A 45 3.73 -6.09 -2.16
C MET A 45 4.29 -5.19 -3.25
N PRO A 46 3.61 -5.02 -4.39
CA PRO A 46 4.19 -4.27 -5.49
C PRO A 46 3.79 -2.80 -5.55
N HIS A 47 4.74 -1.94 -5.91
CA HIS A 47 4.48 -0.54 -6.24
C HIS A 47 4.97 -0.33 -7.66
N VAL A 48 4.04 -0.11 -8.59
CA VAL A 48 4.32 -0.18 -10.02
C VAL A 48 4.08 1.19 -10.64
N SER A 49 5.10 1.72 -11.45
CA SER A 49 4.85 2.78 -12.41
C SER A 49 4.76 2.14 -13.79
N LEU A 50 3.56 2.18 -14.31
CA LEU A 50 3.35 1.50 -15.59
C LEU A 50 4.03 2.23 -16.74
N ARG A 51 4.22 3.55 -16.63
CA ARG A 51 4.90 4.28 -17.69
C ARG A 51 6.35 3.85 -17.79
N ALA A 52 7.01 3.64 -16.65
CA ALA A 52 8.40 3.21 -16.67
C ALA A 52 8.55 1.78 -17.16
N VAL A 53 7.51 0.94 -16.98
CA VAL A 53 7.59 -0.45 -17.41
C VAL A 53 7.65 -0.54 -18.93
N GLY A 54 6.82 0.23 -19.63
CA GLY A 54 6.76 0.18 -21.07
C GLY A 54 5.54 -0.57 -21.55
N PRO A 55 5.41 -0.71 -22.88
CA PRO A 55 4.24 -1.42 -23.42
C PRO A 55 4.28 -2.90 -23.08
N LEU A 56 3.11 -3.46 -22.80
CA LEU A 56 2.97 -4.85 -22.43
C LEU A 56 2.12 -5.58 -23.46
N ALA A 57 2.29 -6.91 -23.51
CA ALA A 57 1.62 -7.71 -24.53
C ALA A 57 0.12 -7.52 -24.52
N ASP A 58 -0.49 -7.57 -23.34
CA ASP A 58 -1.93 -7.41 -23.19
C ASP A 58 -2.25 -6.33 -22.15
N GLY A 59 -1.54 -5.22 -22.21
CA GLY A 59 -1.74 -4.15 -21.27
C GLY A 59 -1.30 -4.51 -19.87
N PRO A 60 -1.82 -3.81 -18.86
CA PRO A 60 -1.39 -4.06 -17.48
C PRO A 60 -1.66 -5.48 -16.99
N GLN A 61 -2.61 -6.20 -17.59
CA GLN A 61 -2.90 -7.55 -17.12
C GLN A 61 -1.71 -8.48 -17.31
N THR A 62 -0.86 -8.21 -18.30
CA THR A 62 0.34 -9.00 -18.50
C THR A 62 1.23 -8.98 -17.26
N LEU A 63 1.39 -7.80 -16.65
CA LEU A 63 2.21 -7.69 -15.46
C LEU A 63 1.57 -8.38 -14.26
N VAL A 64 0.23 -8.29 -14.15
CA VAL A 64 -0.47 -9.00 -13.08
C VAL A 64 -0.27 -10.50 -13.22
N ASP A 65 -0.46 -11.02 -14.43
CA ASP A 65 -0.29 -12.45 -14.67
C ASP A 65 1.15 -12.88 -14.37
N ALA A 66 2.12 -12.07 -14.75
CA ALA A 66 3.52 -12.41 -14.45
C ALA A 66 3.78 -12.43 -12.96
N LEU A 67 3.17 -11.51 -12.21
CA LEU A 67 3.31 -11.49 -10.77
C LEU A 67 2.73 -12.75 -10.14
N ILE A 68 1.51 -13.12 -10.55
CA ILE A 68 0.88 -14.33 -10.03
C ILE A 68 1.75 -15.55 -10.33
N GLU A 69 2.31 -15.62 -11.54
CA GLU A 69 3.07 -16.80 -11.94
C GLU A 69 4.41 -16.87 -11.21
N ALA A 70 5.10 -15.74 -11.07
CA ALA A 70 6.37 -15.74 -10.37
C ALA A 70 6.20 -16.09 -8.90
N VAL A 71 5.13 -15.60 -8.28
CA VAL A 71 4.87 -15.88 -6.88
C VAL A 71 4.37 -17.31 -6.66
N GLY A 72 3.75 -17.91 -7.67
CA GLY A 72 3.37 -19.30 -7.62
C GLY A 72 2.05 -19.55 -6.92
N PRO A 73 1.57 -20.80 -6.96
CA PRO A 73 0.27 -21.12 -6.34
C PRO A 73 0.29 -21.04 -4.82
N THR A 74 1.47 -20.95 -4.20
CA THR A 74 1.56 -20.87 -2.75
C THR A 74 1.93 -19.49 -2.24
N GLY A 75 2.34 -18.58 -3.12
CA GLY A 75 2.69 -17.24 -2.71
C GLY A 75 1.48 -16.32 -2.61
N ASN A 76 1.76 -15.05 -2.31
CA ASN A 76 0.70 -14.09 -2.07
C ASN A 76 1.08 -12.72 -2.62
N ILE A 77 0.06 -11.99 -3.07
CA ILE A 77 0.18 -10.59 -3.47
C ILE A 77 -0.64 -9.75 -2.50
N LEU A 78 -0.07 -8.63 -2.06
CA LEU A 78 -0.79 -7.66 -1.25
C LEU A 78 -0.57 -6.28 -1.85
N ALA A 79 -1.65 -5.56 -2.10
CA ALA A 79 -1.58 -4.27 -2.77
C ALA A 79 -2.40 -3.23 -2.02
N PHE A 80 -1.89 -2.00 -2.00
CA PHE A 80 -2.60 -0.87 -1.40
C PHE A 80 -3.42 -0.21 -2.50
N VAL A 81 -4.72 -0.46 -2.51
CA VAL A 81 -5.59 0.00 -3.58
C VAL A 81 -6.44 1.20 -3.17
N SER A 82 -6.77 1.35 -1.89
CA SER A 82 -7.58 2.46 -1.38
C SER A 82 -8.92 2.49 -2.12
N TRP A 83 -9.46 3.68 -2.35
CA TRP A 83 -10.79 3.85 -2.91
C TRP A 83 -10.83 5.13 -3.72
N ARG A 84 -11.33 5.02 -4.96
CA ARG A 84 -11.34 6.17 -5.86
C ARG A 84 -12.17 7.32 -5.31
N ASP A 85 -13.25 7.01 -4.58
CA ASP A 85 -14.20 8.01 -4.10
C ASP A 85 -14.14 8.17 -2.59
N SER A 86 -12.96 8.06 -2.00
CA SER A 86 -12.82 8.25 -0.56
C SER A 86 -13.11 9.69 -0.19
N PRO A 87 -14.05 9.95 0.73
CA PRO A 87 -14.34 11.32 1.18
C PRO A 87 -13.37 11.80 2.26
N TYR A 88 -12.08 11.57 2.04
CA TYR A 88 -11.07 11.90 3.05
C TYR A 88 -10.98 13.41 3.26
N GLU A 89 -10.71 14.16 2.19
CA GLU A 89 -10.60 15.61 2.30
C GLU A 89 -11.92 16.23 2.72
N GLN A 90 -13.04 15.68 2.24
CA GLN A 90 -14.34 16.28 2.52
C GLN A 90 -14.72 16.16 4.00
N THR A 91 -14.18 15.18 4.72
CA THR A 91 -14.55 14.95 6.12
C THR A 91 -13.39 15.15 7.09
N LEU A 92 -12.21 15.50 6.60
CA LEU A 92 -11.04 15.57 7.48
C LEU A 92 -11.10 16.83 8.33
N GLY A 93 -10.97 16.68 9.64
CA GLY A 93 -11.02 17.79 10.56
C GLY A 93 -12.37 18.02 11.22
N HIS A 94 -13.41 17.32 10.81
CA HIS A 94 -14.75 17.51 11.34
C HIS A 94 -15.11 16.40 12.32
N ASP A 95 -15.91 16.75 13.33
CA ASP A 95 -16.45 15.78 14.27
C ASP A 95 -17.52 14.88 13.64
N ALA A 96 -18.05 15.27 12.48
CA ALA A 96 -19.09 14.53 11.79
C ALA A 96 -19.05 14.95 10.33
N PRO A 97 -19.49 14.09 9.42
CA PRO A 97 -19.47 14.45 8.00
C PRO A 97 -20.37 15.64 7.73
N PRO A 98 -19.93 16.60 6.91
CA PRO A 98 -20.82 17.70 6.53
C PRO A 98 -22.11 17.20 5.92
N ALA A 99 -23.18 17.96 6.13
CA ALA A 99 -24.52 17.51 5.79
C ALA A 99 -24.66 17.17 4.31
N ALA A 100 -24.06 17.98 3.44
CA ALA A 100 -24.11 17.70 2.01
C ALA A 100 -23.42 16.38 1.70
N ILE A 101 -22.27 16.13 2.33
CA ILE A 101 -21.57 14.86 2.12
C ILE A 101 -22.37 13.70 2.70
N ALA A 102 -22.94 13.88 3.89
CA ALA A 102 -23.53 12.76 4.62
C ALA A 102 -24.77 12.21 3.95
N GLN A 103 -25.49 13.02 3.16
CA GLN A 103 -26.74 12.54 2.58
C GLN A 103 -26.52 11.80 1.27
N SER A 104 -25.52 12.18 0.48
CA SER A 104 -25.38 11.70 -0.89
C SER A 104 -24.19 10.80 -1.14
N TRP A 105 -23.22 10.74 -0.24
CA TRP A 105 -21.98 10.02 -0.55
C TRP A 105 -22.24 8.51 -0.57
N PRO A 106 -21.73 7.80 -1.56
CA PRO A 106 -21.93 6.34 -1.61
C PRO A 106 -21.16 5.64 -0.51
N ALA A 107 -21.77 4.57 0.02
CA ALA A 107 -21.10 3.76 1.01
C ALA A 107 -20.03 2.88 0.35
N PHE A 108 -18.98 2.57 1.10
CA PHE A 108 -17.88 1.76 0.58
C PHE A 108 -18.36 0.33 0.36
N ASP A 109 -18.44 -0.09 -0.89
CA ASP A 109 -18.77 -1.46 -1.26
C ASP A 109 -17.50 -2.16 -1.72
N PRO A 110 -16.89 -3.01 -0.89
CA PRO A 110 -15.58 -3.57 -1.25
C PRO A 110 -15.58 -4.44 -2.49
N ASP A 111 -16.73 -4.93 -2.92
CA ASP A 111 -16.79 -5.75 -4.12
C ASP A 111 -16.94 -4.93 -5.40
N HIS A 112 -17.34 -3.66 -5.30
CA HIS A 112 -17.54 -2.84 -6.50
C HIS A 112 -16.83 -1.49 -6.45
N ALA A 113 -16.35 -1.04 -5.30
CA ALA A 113 -15.69 0.26 -5.22
C ALA A 113 -14.36 0.21 -5.97
N PRO A 114 -14.15 1.04 -6.98
CA PRO A 114 -12.89 1.00 -7.73
C PRO A 114 -11.72 1.52 -6.89
N ALA A 115 -10.53 1.08 -7.26
CA ALA A 115 -9.32 1.48 -6.55
C ALA A 115 -9.00 2.94 -6.86
N TYR A 116 -8.12 3.51 -6.04
CA TYR A 116 -7.68 4.88 -6.25
C TYR A 116 -6.63 4.92 -7.36
N PRO A 117 -6.86 5.66 -8.45
CA PRO A 117 -5.92 5.64 -9.56
C PRO A 117 -4.57 6.28 -9.25
N GLY A 118 -4.52 7.20 -8.27
CA GLY A 118 -3.28 7.89 -7.98
C GLY A 118 -2.18 7.02 -7.42
N PHE A 119 -2.54 5.89 -6.80
CA PHE A 119 -1.56 4.97 -6.24
C PHE A 119 -1.09 3.92 -7.24
N GLY A 120 -1.46 4.07 -8.51
CA GLY A 120 -1.02 3.12 -9.53
C GLY A 120 -2.22 2.55 -10.29
N ALA A 121 -2.13 2.62 -11.62
CA ALA A 121 -3.20 2.08 -12.45
C ALA A 121 -3.28 0.55 -12.39
N ILE A 122 -2.21 -0.11 -11.94
CA ILE A 122 -2.21 -1.56 -11.85
C ILE A 122 -3.19 -2.07 -10.80
N ASN A 123 -3.53 -1.24 -9.81
CA ASN A 123 -4.29 -1.73 -8.66
C ASN A 123 -5.71 -2.12 -9.01
N GLU A 124 -6.31 -1.45 -10.00
CA GLU A 124 -7.66 -1.84 -10.42
C GLU A 124 -7.67 -3.21 -11.08
N PHE A 125 -6.58 -3.58 -11.75
CA PHE A 125 -6.49 -4.93 -12.31
C PHE A 125 -6.28 -5.97 -11.21
N ILE A 126 -5.57 -5.61 -10.15
CA ILE A 126 -5.34 -6.55 -9.06
C ILE A 126 -6.64 -6.81 -8.30
N ARG A 127 -7.44 -5.76 -8.06
CA ARG A 127 -8.63 -5.90 -7.23
C ARG A 127 -9.74 -6.65 -7.96
N THR A 128 -9.78 -6.57 -9.30
CA THR A 128 -10.78 -7.28 -10.08
C THR A 128 -10.34 -8.68 -10.48
N TYR A 129 -9.11 -9.07 -10.12
CA TYR A 129 -8.66 -10.43 -10.39
C TYR A 129 -9.54 -11.42 -9.65
N PRO A 130 -9.92 -12.54 -10.29
CA PRO A 130 -10.79 -13.51 -9.62
C PRO A 130 -10.14 -14.11 -8.40
N GLY A 131 -10.89 -14.15 -7.30
CA GLY A 131 -10.39 -14.63 -6.03
C GLY A 131 -9.75 -13.58 -5.14
N CYS A 132 -9.59 -12.36 -5.64
CA CYS A 132 -8.98 -11.30 -4.85
C CYS A 132 -9.89 -10.91 -3.69
N ARG A 133 -9.30 -10.74 -2.56
CA ARG A 133 -9.98 -10.27 -1.37
C ARG A 133 -9.61 -8.82 -1.09
N ARG A 134 -10.57 -8.09 -0.53
CA ARG A 134 -10.46 -6.67 -0.29
C ARG A 134 -10.67 -6.38 1.19
N SER A 135 -9.83 -5.52 1.75
CA SER A 135 -10.00 -5.19 3.15
C SER A 135 -11.08 -4.13 3.35
N ALA A 136 -11.57 -4.07 4.59
CA ALA A 136 -12.77 -3.32 4.94
C ALA A 136 -12.51 -1.84 5.18
N HIS A 137 -11.28 -1.45 5.30
CA HIS A 137 -10.99 -0.03 5.51
C HIS A 137 -11.22 0.74 4.21
N PRO A 138 -12.17 1.69 4.17
CA PRO A 138 -12.46 2.36 2.89
C PRO A 138 -11.30 3.19 2.36
N ASP A 139 -10.63 3.95 3.23
CA ASP A 139 -9.55 4.84 2.77
C ASP A 139 -8.22 4.11 2.60
N ALA A 140 -7.95 3.12 3.45
CA ALA A 140 -6.68 2.40 3.43
C ALA A 140 -6.82 1.01 2.80
N SER A 141 -7.70 0.88 1.80
CA SER A 141 -8.09 -0.45 1.35
C SER A 141 -6.93 -1.21 0.73
N MET A 142 -6.78 -2.46 1.16
CA MET A 142 -5.77 -3.38 0.65
C MET A 142 -6.45 -4.54 -0.07
N ALA A 143 -5.80 -5.03 -1.12
CA ALA A 143 -6.27 -6.19 -1.87
C ALA A 143 -5.22 -7.28 -1.81
N ALA A 144 -5.66 -8.54 -1.71
CA ALA A 144 -4.76 -9.66 -1.58
C ALA A 144 -5.19 -10.82 -2.46
N ILE A 145 -4.21 -11.48 -3.07
CA ILE A 145 -4.43 -12.65 -3.91
C ILE A 145 -3.51 -13.76 -3.43
N GLY A 146 -4.08 -14.93 -3.16
CA GLY A 146 -3.29 -16.06 -2.71
C GLY A 146 -3.96 -16.84 -1.59
N PRO A 147 -3.36 -17.98 -1.21
CA PRO A 147 -3.98 -18.82 -0.17
C PRO A 147 -4.09 -18.15 1.18
N ASP A 148 -3.29 -17.12 1.46
CA ASP A 148 -3.32 -16.42 2.73
C ASP A 148 -4.06 -15.08 2.64
N ALA A 149 -4.85 -14.87 1.58
CA ALA A 149 -5.45 -13.57 1.34
C ALA A 149 -6.43 -13.20 2.44
N ALA A 150 -7.32 -14.12 2.80
CA ALA A 150 -8.32 -13.83 3.83
C ALA A 150 -7.66 -13.52 5.17
N TRP A 151 -6.58 -14.23 5.51
CA TRP A 151 -5.84 -13.93 6.72
C TRP A 151 -5.17 -12.56 6.64
N LEU A 152 -4.79 -12.13 5.44
CA LEU A 152 -4.09 -10.84 5.31
C LEU A 152 -5.05 -9.67 5.45
N VAL A 153 -6.23 -9.75 4.82
CA VAL A 153 -7.10 -8.58 4.68
C VAL A 153 -7.98 -8.30 5.90
N ALA A 154 -8.16 -9.27 6.79
CA ALA A 154 -9.06 -9.08 7.92
C ALA A 154 -8.38 -9.47 9.22
N PRO A 155 -8.55 -8.67 10.29
CA PRO A 155 -9.34 -7.45 10.31
C PRO A 155 -8.58 -6.23 9.80
N HIS A 156 -9.31 -5.18 9.45
CA HIS A 156 -8.73 -3.89 9.06
C HIS A 156 -9.76 -2.83 9.44
N GLU A 157 -9.65 -2.35 10.67
CA GLU A 157 -10.65 -1.49 11.26
C GLU A 157 -10.26 -0.02 11.16
N MET A 158 -11.27 0.83 11.25
CA MET A 158 -11.03 2.26 11.37
C MET A 158 -10.22 2.54 12.62
N GLY A 159 -9.23 3.43 12.49
CA GLY A 159 -8.31 3.71 13.57
C GLY A 159 -7.05 2.87 13.57
N ALA A 160 -6.96 1.87 12.69
CA ALA A 160 -5.77 1.05 12.55
C ALA A 160 -5.47 0.88 11.06
N ALA A 161 -5.22 2.01 10.39
CA ALA A 161 -5.04 1.99 8.94
C ALA A 161 -3.78 1.25 8.54
N TYR A 162 -2.66 1.76 9.07
CA TYR A 162 -1.38 1.14 8.74
C TYR A 162 -0.61 0.64 9.95
N GLY A 163 -1.11 0.75 11.10
CA GLY A 163 -0.38 0.41 12.30
C GLY A 163 -0.53 -1.04 12.68
N PRO A 164 -0.28 -1.36 13.96
CA PRO A 164 -0.47 -2.73 14.43
C PRO A 164 -1.91 -3.19 14.19
N ARG A 165 -2.04 -4.49 13.91
CA ARG A 165 -3.32 -5.19 13.73
C ARG A 165 -3.93 -4.91 12.37
N SER A 166 -3.25 -4.16 11.51
CA SER A 166 -3.66 -3.90 10.14
C SER A 166 -3.05 -4.94 9.22
N PRO A 167 -3.50 -5.00 7.96
CA PRO A 167 -2.87 -5.96 7.02
C PRO A 167 -1.39 -5.74 6.83
N ILE A 168 -0.89 -4.51 6.94
CA ILE A 168 0.54 -4.27 6.80
C ILE A 168 1.31 -4.97 7.92
N ALA A 169 0.73 -4.98 9.13
CA ALA A 169 1.40 -5.64 10.25
C ALA A 169 1.55 -7.13 10.01
N ARG A 170 0.48 -7.80 9.59
CA ARG A 170 0.57 -9.21 9.28
C ARG A 170 1.47 -9.47 8.08
N PHE A 171 1.52 -8.52 7.14
CA PHE A 171 2.43 -8.62 6.01
C PHE A 171 3.88 -8.59 6.48
N LEU A 172 4.18 -7.72 7.46
CA LEU A 172 5.54 -7.61 7.97
C LEU A 172 5.96 -8.88 8.71
N ALA A 173 5.02 -9.50 9.45
CA ALA A 173 5.32 -10.71 10.18
C ALA A 173 5.38 -11.94 9.30
N HIS A 174 5.13 -11.88 8.10
CA HIS A 174 4.99 -13.05 7.24
C HIS A 174 5.99 -12.96 6.08
N ALA A 175 7.18 -12.32 6.47
CA ALA A 175 8.37 -12.23 5.60
C ALA A 175 8.03 -11.56 4.27
N GLY A 176 7.27 -10.47 4.33
CA GLY A 176 6.88 -9.78 3.12
C GLY A 176 8.05 -9.12 2.42
N LYS A 177 7.96 -9.07 1.09
CA LYS A 177 8.92 -8.37 0.27
C LYS A 177 8.22 -7.22 -0.46
N ILE A 178 8.90 -6.09 -0.55
CA ILE A 178 8.38 -4.92 -1.26
C ILE A 178 9.02 -4.90 -2.64
N LEU A 179 8.17 -4.93 -3.66
CA LEU A 179 8.62 -4.98 -5.05
C LEU A 179 8.31 -3.64 -5.70
N SER A 180 9.32 -2.78 -5.76
CA SER A 180 9.18 -1.47 -6.38
C SER A 180 9.56 -1.58 -7.86
N ILE A 181 8.60 -1.45 -8.78
CA ILE A 181 8.86 -1.51 -10.21
C ILE A 181 8.76 -0.10 -10.79
N GLY A 182 9.87 0.62 -10.84
CA GLY A 182 9.91 1.97 -11.34
C GLY A 182 9.33 3.02 -10.42
N ALA A 183 8.90 2.64 -9.22
CA ALA A 183 8.31 3.59 -8.29
C ALA A 183 9.39 4.32 -7.49
N GLY A 184 9.06 5.52 -7.04
CA GLY A 184 9.97 6.31 -6.26
C GLY A 184 9.99 5.89 -4.81
N PRO A 185 10.95 6.43 -4.06
CA PRO A 185 11.06 6.08 -2.63
C PRO A 185 9.88 6.55 -1.79
N ASP A 186 9.07 7.48 -2.30
CA ASP A 186 7.91 7.96 -1.57
C ASP A 186 6.76 6.95 -1.54
N ALA A 187 6.88 5.85 -2.28
CA ALA A 187 5.76 4.94 -2.49
C ALA A 187 5.70 3.80 -1.49
N VAL A 188 6.71 3.63 -0.64
CA VAL A 188 6.75 2.50 0.28
C VAL A 188 5.67 2.67 1.35
N THR A 189 4.47 2.16 1.09
CA THR A 189 3.36 2.29 2.01
C THR A 189 3.67 1.65 3.37
N ALA A 190 4.44 0.57 3.38
CA ALA A 190 4.72 -0.15 4.62
C ALA A 190 5.41 0.71 5.67
N LEU A 191 6.08 1.79 5.26
CA LEU A 191 6.80 2.62 6.22
C LEU A 191 5.85 3.43 7.10
N HIS A 192 4.58 3.55 6.73
CA HIS A 192 3.62 4.19 7.62
C HIS A 192 3.41 3.39 8.89
N TYR A 193 3.68 2.08 8.85
CA TYR A 193 3.69 1.28 10.07
C TYR A 193 4.75 1.78 11.03
N ALA A 194 5.93 2.12 10.51
CA ALA A 194 7.00 2.63 11.37
C ALA A 194 6.60 3.94 12.04
N GLU A 195 5.87 4.79 11.32
CA GLU A 195 5.40 6.03 11.92
C GLU A 195 4.41 5.76 13.04
N ALA A 196 3.59 4.72 12.89
CA ALA A 196 2.56 4.43 13.88
C ALA A 196 3.17 3.98 15.20
N VAL A 197 4.22 3.15 15.16
CA VAL A 197 4.76 2.52 16.36
C VAL A 197 5.96 3.28 16.94
N ALA A 198 6.50 4.27 16.24
CA ALA A 198 7.68 4.97 16.72
C ALA A 198 7.37 5.77 17.97
N ARG A 199 8.25 5.67 18.97
CA ARG A 199 8.11 6.41 20.22
C ARG A 199 8.76 7.77 20.05
N ILE A 200 8.01 8.72 19.49
CA ILE A 200 8.48 10.08 19.30
C ILE A 200 7.38 11.05 19.72
N GLU A 201 7.77 12.27 20.04
CA GLU A 201 6.86 13.27 20.57
C GLU A 201 6.26 14.12 19.45
N GLY A 202 5.02 14.54 19.66
CA GLY A 202 4.37 15.44 18.72
C GLY A 202 3.84 14.78 17.47
N LYS A 203 3.50 13.49 17.54
CA LYS A 203 2.99 12.79 16.38
C LYS A 203 1.62 13.34 15.99
N ARG A 204 1.45 13.65 14.72
CA ARG A 204 0.21 14.25 14.24
C ARG A 204 -0.86 13.19 14.05
N ARG A 205 -2.08 13.54 14.43
CA ARG A 205 -3.24 12.68 14.24
C ARG A 205 -4.29 13.46 13.44
N VAL A 206 -5.16 12.71 12.78
CA VAL A 206 -6.22 13.28 11.96
C VAL A 206 -7.54 12.63 12.35
N THR A 207 -8.62 13.35 12.11
CA THR A 207 -9.98 12.84 12.31
C THR A 207 -10.73 12.93 10.99
N TYR A 208 -11.31 11.82 10.55
CA TYR A 208 -12.09 11.80 9.33
C TYR A 208 -13.22 10.79 9.48
N SER A 209 -14.16 10.84 8.54
CA SER A 209 -15.34 9.99 8.56
C SER A 209 -15.41 9.18 7.27
N MET A 210 -15.80 7.91 7.41
CA MET A 210 -15.95 7.02 6.28
C MET A 210 -17.34 6.40 6.28
N PRO A 211 -17.97 6.28 5.11
CA PRO A 211 -19.28 5.62 5.04
C PRO A 211 -19.12 4.12 4.80
N LEU A 212 -19.50 3.31 5.79
CA LEU A 212 -19.33 1.87 5.70
C LEU A 212 -20.68 1.19 5.47
N LEU A 213 -20.60 -0.01 4.92
CA LEU A 213 -21.78 -0.83 4.64
C LEU A 213 -21.84 -1.93 5.68
N ARG A 214 -22.83 -1.87 6.56
CA ARG A 214 -22.96 -2.80 7.67
C ARG A 214 -24.38 -3.36 7.71
N GLU A 215 -24.50 -4.67 7.50
CA GLU A 215 -25.77 -5.38 7.49
C GLU A 215 -26.74 -4.74 6.50
N GLY A 216 -26.22 -4.50 5.29
CA GLY A 216 -26.98 -3.88 4.23
C GLY A 216 -27.19 -2.39 4.37
N LYS A 217 -26.65 -1.74 5.41
CA LYS A 217 -27.02 -0.36 5.69
C LYS A 217 -25.80 0.54 5.75
N ARG A 218 -26.07 1.87 5.03
CA ARG A 218 -24.97 2.83 5.10
C ARG A 218 -24.83 3.39 6.51
N VAL A 219 -23.59 3.32 7.08
CA VAL A 219 -23.32 3.91 8.39
C VAL A 219 -22.07 4.76 8.30
N TRP A 220 -22.14 6.00 8.80
CA TRP A 220 -20.97 6.85 8.87
C TRP A 220 -20.20 6.56 10.16
N VAL A 221 -18.89 6.41 10.03
CA VAL A 221 -18.01 6.14 11.17
C VAL A 221 -16.93 7.21 11.20
N THR A 222 -16.80 7.89 12.33
CA THR A 222 -15.77 8.88 12.55
C THR A 222 -14.67 8.28 13.43
N THR A 223 -13.41 8.48 13.02
CA THR A 223 -12.29 7.92 13.76
C THR A 223 -11.12 8.90 13.72
N SER A 224 -10.13 8.62 14.57
CA SER A 224 -8.85 9.31 14.54
C SER A 224 -7.74 8.30 14.30
N ASP A 225 -6.70 8.74 13.59
CA ASP A 225 -5.57 7.88 13.28
C ASP A 225 -4.37 8.76 13.01
N TRP A 226 -3.21 8.13 12.87
CA TRP A 226 -1.99 8.86 12.58
C TRP A 226 -2.08 9.52 11.21
N ASP A 227 -1.58 10.76 11.12
CA ASP A 227 -1.58 11.49 9.87
C ASP A 227 -0.64 10.80 8.88
N SER A 228 -1.22 10.18 7.86
CA SER A 228 -0.42 9.47 6.85
C SER A 228 0.18 10.42 5.82
N ASN A 229 0.01 11.83 5.95
CA ASN A 229 0.64 12.80 5.06
C ASN A 229 1.76 13.59 5.75
N GLY A 230 2.10 13.21 6.97
CA GLY A 230 3.29 13.69 7.62
C GLY A 230 3.14 13.47 9.12
N ILE A 231 4.02 12.52 9.71
CA ILE A 231 3.85 12.15 11.11
C ILE A 231 4.22 13.31 12.03
N LEU A 232 5.10 14.21 11.57
CA LEU A 232 5.43 15.44 12.29
C LEU A 232 5.34 16.61 11.31
N ASP A 233 5.36 17.83 11.86
CA ASP A 233 5.15 19.02 11.05
C ASP A 233 6.17 19.13 9.92
N GLU A 234 7.45 18.87 10.22
CA GLU A 234 8.50 19.02 9.22
C GLU A 234 8.36 18.07 8.04
N TYR A 235 7.58 17.00 8.19
CA TYR A 235 7.31 16.07 7.09
C TYR A 235 5.95 16.29 6.46
N ALA A 236 5.12 17.16 7.02
CA ALA A 236 3.78 17.42 6.49
C ALA A 236 3.76 18.52 5.42
N ALA A 237 4.91 19.05 5.05
CA ALA A 237 4.95 20.10 4.04
C ALA A 237 4.57 19.55 2.67
N PRO A 238 3.92 20.36 1.84
CA PRO A 238 3.50 19.88 0.52
C PRO A 238 4.64 19.69 -0.48
N ASP A 239 5.77 20.36 -0.30
CA ASP A 239 6.70 20.59 -1.41
C ASP A 239 8.11 19.98 -1.32
N GLY A 240 8.44 19.08 -0.39
CA GLY A 240 7.66 18.53 0.71
C GLY A 240 7.89 17.05 0.98
N PRO A 241 9.15 16.62 1.06
CA PRO A 241 9.41 15.19 1.27
C PRO A 241 8.99 14.75 2.66
N ASP A 242 8.21 13.69 2.73
CA ASP A 242 7.72 13.20 4.01
C ASP A 242 8.76 12.28 4.65
N ALA A 243 8.40 11.73 5.82
CA ALA A 243 9.31 10.82 6.50
C ALA A 243 9.53 9.55 5.68
N VAL A 244 8.50 9.08 4.98
CA VAL A 244 8.61 7.85 4.22
C VAL A 244 9.70 7.97 3.15
N GLU A 245 9.70 9.09 2.42
CA GLU A 245 10.70 9.27 1.36
C GLU A 245 12.09 9.43 1.94
N ARG A 246 12.23 10.18 3.04
CA ARG A 246 13.54 10.41 3.62
C ARG A 246 14.12 9.13 4.22
N ILE A 247 13.26 8.30 4.82
CA ILE A 247 13.72 7.01 5.34
C ILE A 247 14.14 6.10 4.20
N ALA A 248 13.32 6.03 3.14
CA ALA A 248 13.62 5.13 2.03
C ALA A 248 14.92 5.52 1.32
N ARG A 249 15.16 6.83 1.15
CA ARG A 249 16.39 7.28 0.51
C ARG A 249 17.61 6.94 1.38
N ASP A 250 17.54 7.18 2.59
CA ASP A 250 18.63 6.78 3.47
C ASP A 250 18.84 5.27 3.45
N TYR A 251 17.75 4.49 3.55
CA TYR A 251 17.85 3.03 3.52
C TYR A 251 18.56 2.54 2.25
N LEU A 252 18.07 3.03 1.06
CA LEU A 252 18.59 2.55 -0.22
C LEU A 252 20.03 2.98 -0.46
N ALA A 253 20.53 3.98 0.27
CA ALA A 253 21.90 4.41 0.15
C ALA A 253 22.85 3.63 1.05
N ARG A 254 22.32 2.88 2.03
CA ARG A 254 23.14 2.17 2.99
C ARG A 254 22.98 0.66 2.93
N THR A 255 22.14 0.13 2.04
CA THR A 255 21.76 -1.27 2.08
C THR A 255 21.97 -1.93 0.73
N ARG A 256 22.47 -3.15 0.75
CA ARG A 256 22.51 -3.97 -0.45
C ARG A 256 21.10 -4.46 -0.75
N VAL A 257 20.58 -4.08 -1.92
CA VAL A 257 19.22 -4.41 -2.33
C VAL A 257 19.27 -4.96 -3.74
N ALA A 258 18.62 -6.09 -3.97
CA ALA A 258 18.55 -6.67 -5.31
C ALA A 258 17.93 -5.66 -6.27
N GLN A 259 18.67 -5.33 -7.33
CA GLN A 259 18.22 -4.38 -8.33
C GLN A 259 18.33 -5.00 -9.71
N GLY A 260 17.40 -4.62 -10.58
CA GLY A 260 17.33 -5.12 -11.92
C GLY A 260 16.12 -4.58 -12.65
N PRO A 261 16.01 -4.90 -13.94
CA PRO A 261 14.87 -4.39 -14.72
C PRO A 261 13.70 -5.37 -14.75
N VAL A 262 12.50 -4.80 -14.61
CA VAL A 262 11.26 -5.50 -14.93
C VAL A 262 10.62 -4.70 -16.06
N GLY A 263 10.55 -5.30 -17.23
CA GLY A 263 10.18 -4.53 -18.41
C GLY A 263 11.27 -3.52 -18.70
N GLY A 264 10.87 -2.27 -18.95
CA GLY A 264 11.82 -1.19 -19.10
C GLY A 264 12.07 -0.39 -17.85
N ALA A 265 11.37 -0.73 -16.76
CA ALA A 265 11.48 0.01 -15.50
C ALA A 265 12.54 -0.60 -14.61
N GLN A 266 13.22 0.24 -13.84
CA GLN A 266 14.17 -0.27 -12.87
C GLN A 266 13.46 -0.64 -11.59
N SER A 267 13.83 -1.80 -11.06
CA SER A 267 13.08 -2.41 -9.97
C SER A 267 14.04 -2.78 -8.84
N ARG A 268 13.50 -2.78 -7.62
CA ARG A 268 14.22 -3.20 -6.43
C ARG A 268 13.33 -4.13 -5.62
N LEU A 269 13.92 -5.16 -5.05
CA LEU A 269 13.22 -6.09 -4.16
C LEU A 269 13.73 -5.84 -2.74
N ILE A 270 12.83 -5.40 -1.87
CA ILE A 270 13.18 -4.92 -0.55
C ILE A 270 12.57 -5.83 0.50
N ASP A 271 13.38 -6.20 1.49
CA ASP A 271 12.88 -6.93 2.65
C ASP A 271 12.05 -5.99 3.52
N ALA A 272 10.75 -6.27 3.64
CA ALA A 272 9.85 -5.32 4.29
C ALA A 272 10.16 -5.16 5.77
N ALA A 273 10.41 -6.27 6.48
CA ALA A 273 10.72 -6.17 7.90
C ALA A 273 12.00 -5.40 8.15
N ASP A 274 12.98 -5.50 7.23
CA ASP A 274 14.24 -4.82 7.45
C ASP A 274 14.11 -3.31 7.28
N ILE A 275 13.39 -2.86 6.25
CA ILE A 275 13.28 -1.42 6.03
C ILE A 275 12.38 -0.77 7.07
N VAL A 276 11.37 -1.49 7.55
CA VAL A 276 10.51 -0.94 8.60
C VAL A 276 11.28 -0.81 9.90
N SER A 277 12.11 -1.81 10.15
CA SER A 277 12.91 -1.77 11.38
C SER A 277 13.88 -0.59 11.34
N PHE A 278 14.46 -0.35 10.12
CA PHE A 278 15.33 0.80 9.90
C PHE A 278 14.57 2.10 10.08
N GLY A 279 13.30 2.13 9.66
CA GLY A 279 12.51 3.34 9.80
C GLY A 279 12.19 3.71 11.23
N ILE A 280 11.99 2.71 12.09
CA ILE A 280 11.70 2.98 13.49
C ILE A 280 12.92 3.59 14.17
N GLU A 281 14.09 3.00 13.95
CA GLU A 281 15.32 3.56 14.51
C GLU A 281 15.59 4.94 13.93
N TRP A 282 15.37 5.11 12.63
CA TRP A 282 15.59 6.39 11.98
C TRP A 282 14.75 7.49 12.61
N LEU A 283 13.46 7.21 12.84
CA LEU A 283 12.58 8.22 13.43
C LEU A 283 12.92 8.46 14.89
N GLU A 284 13.24 7.40 15.64
CA GLU A 284 13.48 7.55 17.07
C GLU A 284 14.85 8.14 17.36
N ALA A 285 15.81 7.97 16.46
CA ALA A 285 17.12 8.59 16.66
C ALA A 285 17.07 10.10 16.43
N ARG A 286 16.09 10.59 15.65
CA ARG A 286 16.03 11.99 15.29
C ARG A 286 15.06 12.80 16.14
N HIS A 287 14.17 12.14 16.89
CA HIS A 287 13.16 12.85 17.67
C HIS A 287 13.04 12.20 19.03
N ALA A 288 13.23 13.01 20.08
CA ALA A 288 13.22 12.49 21.45
C ALA A 288 11.86 11.91 21.80
N ALA A 289 11.86 11.07 22.83
CA ALA A 289 10.64 10.43 23.29
C ALA A 289 10.06 11.16 24.49
#